data_3BGK
#
_entry.id   3BGK
#
_cell.length_a   96.527
_cell.length_b   96.527
_cell.length_c   56.260
_cell.angle_alpha   90.000
_cell.angle_beta   90.000
_cell.angle_gamma   90.000
#
_symmetry.space_group_name_H-M   'I 4'
#
loop_
_entity.id
_entity.type
_entity.pdbx_description
1 polymer 'Putative uncharacterized protein'
2 non-polymer 'PHOSPHATE ION'
3 non-polymer 'POTASSIUM ION'
4 water water
#
_entity_poly.entity_id   1
_entity_poly.type   'polypeptide(L)'
_entity_poly.pdbx_seq_one_letter_code
;MGSSHHHHHHSSGLVPRGSHMASMTGGQQMGRGS(MSE)IIDDLLTKKIIKPRPLNSHKGTFGRVLLIGGNYPYGGAII
(MSE)AALACVNSGAGLVTVATHKDNITALHSHLPEA(MSE)AFD(MSE)VEKDRLSEQITAADVVL(MSE)GPGLAEDD
LAQTTFDVVWQAIEPKQTLIIDGSAINLLAKRKPAIWPTKQIILTPHQKEWERLSGLTIPEQIEAATQTALAHFPKETIL
VAKSHQTKIYQGQKIGHIQVGGPYQATGG(MSE)GDTLAG(MSE)IAGFVAQFHTDRFEVAAAAVFLHSYIADQLSKEAY
VVLPTRISAEITRV(MSE)KE(MSE)SE
;
_entity_poly.pdbx_strand_id   A
#
loop_
_chem_comp.id
_chem_comp.type
_chem_comp.name
_chem_comp.formula
K non-polymer 'POTASSIUM ION' 'K 1'
PO4 non-polymer 'PHOSPHATE ION' 'O4 P -3'
#
# COMPACT_ATOMS: atom_id res chain seq x y z
N MSE A 35 10.15 0.68 19.04
CA MSE A 35 10.10 2.17 18.85
C MSE A 35 8.76 2.69 18.35
O MSE A 35 7.98 1.98 17.70
CB MSE A 35 11.23 2.66 17.93
CG MSE A 35 11.37 1.89 16.63
SE MSE A 35 11.97 2.99 15.13
CE MSE A 35 13.47 3.92 16.00
N ILE A 36 8.49 3.96 18.65
CA ILE A 36 7.22 4.61 18.33
C ILE A 36 7.33 5.53 17.12
N ILE A 37 6.41 5.36 16.17
CA ILE A 37 6.36 6.20 14.97
C ILE A 37 5.50 7.41 15.30
N ASP A 38 6.12 8.59 15.25
CA ASP A 38 5.41 9.83 15.54
C ASP A 38 5.57 10.86 14.42
N ASP A 39 5.21 12.11 14.71
CA ASP A 39 5.24 13.16 13.71
C ASP A 39 6.66 13.59 13.35
N LEU A 40 7.55 13.54 14.33
CA LEU A 40 8.95 13.93 14.13
C LEU A 40 9.63 13.03 13.11
N LEU A 41 9.30 11.74 13.14
CA LEU A 41 9.78 10.82 12.12
C LEU A 41 9.18 11.18 10.78
N THR A 42 7.88 11.43 10.77
CA THR A 42 7.13 11.77 9.56
C THR A 42 7.63 13.09 8.96
N LYS A 43 7.88 14.08 9.82
CA LYS A 43 8.52 15.33 9.42
C LYS A 43 9.93 15.11 8.89
N LYS A 44 10.60 14.04 9.33
CA LYS A 44 11.93 13.74 8.80
C LYS A 44 11.85 13.19 7.37
N ILE A 45 10.83 12.41 7.08
CA ILE A 45 10.65 11.80 5.76
C ILE A 45 10.08 12.77 4.74
N ILE A 46 8.95 13.39 5.05
CA ILE A 46 8.32 14.36 4.14
C ILE A 46 9.20 15.61 4.01
N LYS A 47 10.12 15.56 3.06
CA LYS A 47 11.05 16.65 2.79
C LYS A 47 10.48 17.61 1.75
N PRO A 48 10.81 18.91 1.84
CA PRO A 48 10.36 19.84 0.80
C PRO A 48 10.90 19.38 -0.54
N ARG A 49 10.10 19.53 -1.59
CA ARG A 49 10.47 19.03 -2.91
C ARG A 49 11.59 19.87 -3.53
N PRO A 50 12.61 19.19 -4.08
CA PRO A 50 13.67 19.84 -4.85
C PRO A 50 13.08 20.61 -6.03
N LEU A 51 13.55 21.84 -6.21
CA LEU A 51 13.01 22.79 -7.19
C LEU A 51 13.23 22.34 -8.62
N ASN A 52 14.43 21.82 -8.89
CA ASN A 52 14.83 21.42 -10.22
C ASN A 52 14.13 20.12 -10.63
N SER A 53 14.54 19.01 -10.02
CA SER A 53 14.02 17.69 -10.37
C SER A 53 12.49 17.72 -10.49
N HIS A 54 12.01 17.49 -11.72
CA HIS A 54 10.58 17.47 -12.02
C HIS A 54 10.15 16.15 -12.68
N LYS A 55 9.34 15.38 -11.94
CA LYS A 55 8.85 14.06 -12.35
C LYS A 55 9.94 13.01 -12.08
N GLY A 56 9.69 11.77 -12.51
CA GLY A 56 10.64 10.67 -12.35
C GLY A 56 11.07 10.47 -10.91
N THR A 57 11.57 11.56 -10.32
CA THR A 57 11.96 11.63 -8.92
C THR A 57 10.81 11.18 -8.01
N PHE A 58 9.59 11.50 -8.43
CA PHE A 58 8.40 11.25 -7.61
C PHE A 58 7.74 9.91 -7.92
N GLY A 59 8.31 9.17 -8.86
CA GLY A 59 8.03 7.76 -9.06
C GLY A 59 6.74 7.44 -9.79
N ARG A 60 6.72 6.24 -10.39
CA ARG A 60 5.57 5.73 -11.11
C ARG A 60 5.07 4.47 -10.44
N VAL A 61 3.79 4.48 -10.05
CA VAL A 61 3.17 3.35 -9.40
C VAL A 61 2.16 2.71 -10.34
N LEU A 62 2.18 1.38 -10.39
CA LEU A 62 1.12 0.61 -11.01
C LEU A 62 0.30 -0.09 -9.92
N LEU A 63 -1.01 0.12 -9.94
CA LEU A 63 -1.91 -0.53 -9.00
C LEU A 63 -2.63 -1.62 -9.77
N ILE A 64 -2.79 -2.78 -9.15
CA ILE A 64 -3.44 -3.91 -9.78
C ILE A 64 -4.45 -4.48 -8.79
N GLY A 65 -5.73 -4.39 -9.15
CA GLY A 65 -6.81 -4.83 -8.28
C GLY A 65 -8.14 -4.31 -8.78
N GLY A 66 -9.12 -4.21 -7.88
CA GLY A 66 -10.44 -3.73 -8.26
C GLY A 66 -11.12 -4.70 -9.20
N ASN A 67 -10.75 -5.97 -9.07
CA ASN A 67 -11.40 -7.05 -9.78
C ASN A 67 -12.83 -7.14 -9.26
N TYR A 68 -13.76 -7.38 -10.18
CA TYR A 68 -15.17 -7.55 -9.85
C TYR A 68 -15.36 -8.58 -8.73
N PRO A 69 -16.18 -8.25 -7.72
CA PRO A 69 -16.90 -6.99 -7.54
C PRO A 69 -16.24 -5.96 -6.60
N TYR A 70 -14.94 -6.06 -6.38
CA TYR A 70 -14.25 -5.18 -5.43
C TYR A 70 -13.57 -3.95 -6.06
N GLY A 71 -14.27 -3.33 -7.01
CA GLY A 71 -13.77 -2.14 -7.71
C GLY A 71 -13.42 -0.96 -6.82
N GLY A 72 -14.31 -0.60 -5.91
CA GLY A 72 -14.10 0.55 -5.01
C GLY A 72 -12.75 0.55 -4.29
N ALA A 73 -12.28 -0.64 -3.94
CA ALA A 73 -11.00 -0.84 -3.26
C ALA A 73 -9.82 -0.26 -4.04
N ILE A 74 -9.78 -0.50 -5.34
CA ILE A 74 -8.68 0.00 -6.17
C ILE A 74 -8.84 1.50 -6.42
N ILE A 75 -10.09 1.98 -6.43
CA ILE A 75 -10.38 3.40 -6.54
C ILE A 75 -9.90 4.14 -5.30
N MSE A 76 -10.01 3.51 -4.13
CA MSE A 76 -9.63 4.15 -2.88
C MSE A 76 -8.12 4.12 -2.66
O MSE A 76 -7.56 5.07 -2.11
CB MSE A 76 -10.38 3.54 -1.70
CG MSE A 76 -11.81 4.02 -1.62
SE MSE A 76 -12.82 3.23 -0.17
CE MSE A 76 -12.81 1.34 -0.70
N ALA A 77 -7.48 3.05 -3.11
CA ALA A 77 -6.03 3.00 -3.11
C ALA A 77 -5.46 3.99 -4.13
N ALA A 78 -6.07 4.05 -5.31
CA ALA A 78 -5.67 5.01 -6.34
C ALA A 78 -5.76 6.45 -5.83
N LEU A 79 -6.93 6.82 -5.28
CA LEU A 79 -7.14 8.12 -4.69
C LEU A 79 -6.07 8.49 -3.68
N ALA A 80 -5.75 7.55 -2.79
CA ALA A 80 -4.72 7.78 -1.78
C ALA A 80 -3.34 7.96 -2.41
N CYS A 81 -3.04 7.15 -3.41
CA CYS A 81 -1.72 7.14 -4.03
C CYS A 81 -1.43 8.44 -4.77
N VAL A 82 -2.42 8.95 -5.50
CA VAL A 82 -2.27 10.20 -6.25
C VAL A 82 -2.15 11.36 -5.27
N ASN A 83 -3.03 11.36 -4.27
CA ASN A 83 -3.05 12.45 -3.32
C ASN A 83 -1.81 12.52 -2.45
N SER A 84 -1.14 11.39 -2.27
CA SER A 84 0.16 11.33 -1.58
C SER A 84 1.32 11.90 -2.40
N GLY A 85 1.10 12.10 -3.71
CA GLY A 85 2.08 12.78 -4.54
C GLY A 85 2.87 11.91 -5.49
N ALA A 86 2.44 10.66 -5.70
CA ALA A 86 3.08 9.83 -6.72
C ALA A 86 3.13 10.60 -8.03
N GLY A 87 4.27 10.54 -8.73
CA GLY A 87 4.43 11.28 -9.97
C GLY A 87 3.44 10.83 -11.02
N LEU A 88 3.30 9.52 -11.17
CA LEU A 88 2.35 8.93 -12.12
C LEU A 88 1.72 7.69 -11.50
N VAL A 89 0.41 7.59 -11.65
CA VAL A 89 -0.34 6.46 -11.09
C VAL A 89 -1.10 5.77 -12.23
N THR A 90 -0.90 4.46 -12.33
CA THR A 90 -1.54 3.66 -13.37
C THR A 90 -2.26 2.50 -12.69
N VAL A 91 -3.47 2.21 -13.15
CA VAL A 91 -4.32 1.19 -12.53
C VAL A 91 -4.67 0.09 -13.52
N ALA A 92 -4.38 -1.15 -13.13
CA ALA A 92 -4.82 -2.34 -13.85
C ALA A 92 -6.04 -2.89 -13.11
N THR A 93 -7.21 -2.79 -13.73
CA THR A 93 -8.44 -3.06 -13.03
C THR A 93 -9.47 -3.72 -13.95
N HIS A 94 -10.63 -4.03 -13.40
CA HIS A 94 -11.68 -4.61 -14.22
C HIS A 94 -12.22 -3.58 -15.22
N LYS A 95 -12.26 -3.99 -16.48
CA LYS A 95 -12.92 -3.28 -17.58
C LYS A 95 -14.12 -2.41 -17.14
N ASP A 96 -15.07 -3.00 -16.42
CA ASP A 96 -16.32 -2.32 -16.00
C ASP A 96 -16.16 -1.38 -14.78
N ASN A 97 -14.91 -1.19 -14.34
CA ASN A 97 -14.62 -0.40 -13.14
C ASN A 97 -13.80 0.86 -13.47
N ILE A 98 -13.37 0.96 -14.72
CA ILE A 98 -12.56 2.08 -15.19
C ILE A 98 -13.33 3.41 -15.18
N THR A 99 -14.61 3.37 -15.57
CA THR A 99 -15.44 4.57 -15.60
C THR A 99 -15.59 5.19 -14.21
N ALA A 100 -15.88 4.34 -13.23
CA ALA A 100 -16.04 4.77 -11.84
C ALA A 100 -14.73 5.33 -11.28
N LEU A 101 -13.61 4.69 -11.62
CA LEU A 101 -12.30 5.18 -11.21
C LEU A 101 -12.07 6.59 -11.77
N HIS A 102 -12.37 6.77 -13.06
CA HIS A 102 -12.15 8.08 -13.68
C HIS A 102 -13.14 9.14 -13.25
N SER A 103 -14.30 8.73 -12.75
CA SER A 103 -15.22 9.67 -12.15
C SER A 103 -14.54 10.36 -10.96
N HIS A 104 -13.75 9.60 -10.22
CA HIS A 104 -13.05 10.11 -9.03
C HIS A 104 -11.71 10.72 -9.37
N LEU A 105 -11.06 10.16 -10.39
CA LEU A 105 -9.61 10.33 -10.60
C LEU A 105 -9.19 10.21 -12.08
N PRO A 106 -9.44 11.27 -12.88
CA PRO A 106 -8.96 11.29 -14.26
C PRO A 106 -7.43 11.35 -14.35
N GLU A 107 -6.79 11.73 -13.24
CA GLU A 107 -5.32 11.77 -13.14
C GLU A 107 -4.63 10.42 -13.31
N ALA A 108 -5.38 9.33 -13.19
CA ALA A 108 -4.80 7.98 -13.27
C ALA A 108 -5.23 7.23 -14.51
N MSE A 109 -4.26 6.75 -15.28
CA MSE A 109 -4.59 5.91 -16.42
C MSE A 109 -5.10 4.57 -15.89
O MSE A 109 -4.64 4.08 -14.87
CB MSE A 109 -3.38 5.73 -17.34
CG MSE A 109 -3.70 5.03 -18.66
SE MSE A 109 -3.43 3.09 -18.56
CE MSE A 109 -1.62 3.04 -19.31
N ALA A 110 -6.07 4.00 -16.59
CA ALA A 110 -6.65 2.71 -16.19
C ALA A 110 -6.88 1.85 -17.41
N PHE A 111 -6.61 0.56 -17.27
CA PHE A 111 -6.87 -0.39 -18.36
C PHE A 111 -7.39 -1.72 -17.81
N ASP A 112 -7.87 -2.55 -18.72
CA ASP A 112 -8.38 -3.87 -18.41
C ASP A 112 -7.21 -4.78 -18.04
N MSE A 113 -7.24 -5.31 -16.82
CA MSE A 113 -6.16 -6.18 -16.36
C MSE A 113 -6.03 -7.50 -17.15
O MSE A 113 -4.98 -8.14 -17.07
CB MSE A 113 -6.26 -6.43 -14.85
CG MSE A 113 -7.56 -7.05 -14.38
SE MSE A 113 -7.60 -7.37 -12.45
CE MSE A 113 -5.96 -8.33 -12.24
N VAL A 114 -7.05 -7.87 -17.91
CA VAL A 114 -7.00 -9.08 -18.77
C VAL A 114 -6.09 -8.88 -19.97
N GLU A 115 -5.79 -7.62 -20.28
CA GLU A 115 -4.92 -7.30 -21.42
C GLU A 115 -3.47 -7.57 -21.05
N LYS A 116 -3.05 -8.81 -21.34
CA LYS A 116 -1.79 -9.37 -20.86
C LYS A 116 -0.55 -8.61 -21.29
N ASP A 117 -0.52 -8.20 -22.56
CA ASP A 117 0.65 -7.53 -23.13
C ASP A 117 0.80 -6.09 -22.62
N ARG A 118 -0.33 -5.42 -22.41
CA ARG A 118 -0.31 -4.07 -21.84
C ARG A 118 0.05 -4.10 -20.35
N LEU A 119 -0.52 -5.05 -19.61
CA LEU A 119 -0.17 -5.27 -18.21
C LEU A 119 1.34 -5.47 -18.04
N SER A 120 1.92 -6.27 -18.93
CA SER A 120 3.36 -6.53 -18.95
C SER A 120 4.17 -5.26 -19.18
N GLU A 121 3.85 -4.54 -20.25
CA GLU A 121 4.48 -3.27 -20.58
C GLU A 121 4.44 -2.31 -19.40
N GLN A 122 3.28 -2.24 -18.74
CA GLN A 122 3.08 -1.32 -17.62
C GLN A 122 3.88 -1.69 -16.38
N ILE A 123 4.11 -2.99 -16.17
CA ILE A 123 4.96 -3.44 -15.06
C ILE A 123 6.40 -2.91 -15.23
N THR A 124 6.95 -3.04 -16.44
CA THR A 124 8.30 -2.54 -16.75
C THR A 124 8.44 -1.02 -16.67
N ALA A 125 7.35 -0.30 -16.87
CA ALA A 125 7.35 1.17 -16.77
C ALA A 125 7.21 1.67 -15.32
N ALA A 126 6.75 0.79 -14.42
CA ALA A 126 6.50 1.15 -13.02
C ALA A 126 7.74 1.04 -12.14
N ASP A 127 7.84 1.92 -11.14
CA ASP A 127 8.87 1.80 -10.09
C ASP A 127 8.33 1.02 -8.89
N VAL A 128 7.03 1.16 -8.64
CA VAL A 128 6.35 0.53 -7.51
C VAL A 128 5.11 -0.19 -8.03
N VAL A 129 4.94 -1.45 -7.65
CA VAL A 129 3.76 -2.21 -8.04
C VAL A 129 2.96 -2.60 -6.80
N LEU A 130 1.75 -2.04 -6.69
CA LEU A 130 0.84 -2.37 -5.60
C LEU A 130 -0.22 -3.33 -6.11
N MSE A 131 -0.09 -4.59 -5.72
CA MSE A 131 -1.03 -5.59 -6.15
C MSE A 131 -1.83 -6.09 -4.95
O MSE A 131 -1.27 -6.37 -3.91
CB MSE A 131 -0.29 -6.72 -6.83
CG MSE A 131 -1.17 -7.81 -7.42
SE MSE A 131 -0.09 -9.28 -8.09
CE MSE A 131 1.16 -9.49 -6.61
N GLY A 132 -3.15 -6.18 -5.10
CA GLY A 132 -3.96 -6.86 -4.10
C GLY A 132 -5.29 -6.26 -3.68
N PRO A 133 -5.38 -4.92 -3.56
CA PRO A 133 -6.65 -4.37 -3.06
C PRO A 133 -7.79 -4.64 -4.04
N GLY A 134 -8.72 -5.49 -3.62
CA GLY A 134 -9.85 -5.88 -4.46
C GLY A 134 -9.52 -6.85 -5.59
N LEU A 135 -8.32 -7.44 -5.54
CA LEU A 135 -7.88 -8.38 -6.57
C LEU A 135 -8.78 -9.62 -6.65
N ALA A 136 -9.34 -10.02 -5.51
CA ALA A 136 -10.09 -11.27 -5.36
C ALA A 136 -9.18 -12.48 -5.57
N GLU A 137 -9.79 -13.68 -5.71
CA GLU A 137 -9.02 -14.92 -5.71
C GLU A 137 -9.41 -15.87 -6.86
N ASP A 138 -10.27 -15.41 -7.75
CA ASP A 138 -10.73 -16.21 -8.91
C ASP A 138 -9.59 -16.50 -9.91
N ASP A 139 -9.94 -17.08 -11.05
CA ASP A 139 -8.94 -17.45 -12.06
C ASP A 139 -8.19 -16.26 -12.65
N LEU A 140 -8.91 -15.16 -12.91
CA LEU A 140 -8.29 -13.94 -13.43
C LEU A 140 -7.25 -13.36 -12.47
N ALA A 141 -7.52 -13.45 -11.16
CA ALA A 141 -6.59 -12.97 -10.13
C ALA A 141 -5.30 -13.78 -10.09
N GLN A 142 -5.41 -15.10 -10.17
CA GLN A 142 -4.24 -16.00 -10.17
C GLN A 142 -3.39 -15.89 -11.44
N THR A 143 -4.05 -15.73 -12.59
CA THR A 143 -3.36 -15.51 -13.87
C THR A 143 -2.55 -14.23 -13.77
N THR A 144 -3.20 -13.17 -13.28
CA THR A 144 -2.58 -11.87 -13.09
C THR A 144 -1.47 -11.88 -12.06
N PHE A 145 -1.71 -12.51 -10.91
CA PHE A 145 -0.68 -12.63 -9.88
C PHE A 145 0.59 -13.16 -10.52
N ASP A 146 0.44 -14.24 -11.30
CA ASP A 146 1.57 -14.93 -11.91
C ASP A 146 2.26 -14.15 -13.04
N VAL A 147 1.51 -13.29 -13.73
CA VAL A 147 2.08 -12.40 -14.74
C VAL A 147 3.02 -11.42 -14.03
N VAL A 148 2.47 -10.71 -13.05
CA VAL A 148 3.19 -9.74 -12.23
C VAL A 148 4.42 -10.38 -11.62
N TRP A 149 4.22 -11.51 -10.95
CA TRP A 149 5.31 -12.22 -10.27
C TRP A 149 6.49 -12.55 -11.18
N GLN A 150 6.22 -12.85 -12.45
CA GLN A 150 7.29 -13.16 -13.41
C GLN A 150 7.88 -11.92 -14.09
N ALA A 151 7.15 -10.81 -14.03
CA ALA A 151 7.56 -9.57 -14.68
C ALA A 151 8.26 -8.56 -13.74
N ILE A 152 8.19 -8.81 -12.44
CA ILE A 152 8.83 -7.94 -11.45
C ILE A 152 10.35 -7.97 -11.61
N GLU A 153 10.96 -6.81 -11.44
CA GLU A 153 12.39 -6.61 -11.62
C GLU A 153 13.00 -6.27 -10.25
N PRO A 154 14.31 -6.52 -10.07
CA PRO A 154 14.98 -6.30 -8.77
C PRO A 154 14.99 -4.86 -8.22
N LYS A 155 14.97 -3.86 -9.11
CA LYS A 155 14.95 -2.46 -8.67
C LYS A 155 13.56 -1.94 -8.27
N GLN A 156 12.54 -2.77 -8.47
CA GLN A 156 11.15 -2.41 -8.19
C GLN A 156 10.73 -2.73 -6.77
N THR A 157 9.87 -1.88 -6.20
CA THR A 157 9.22 -2.15 -4.91
C THR A 157 7.87 -2.82 -5.14
N LEU A 158 7.65 -3.92 -4.44
CA LEU A 158 6.43 -4.69 -4.60
C LEU A 158 5.64 -4.72 -3.30
N ILE A 159 4.42 -4.19 -3.35
CA ILE A 159 3.50 -4.22 -2.22
C ILE A 159 2.42 -5.25 -2.49
N ILE A 160 2.30 -6.20 -1.56
CA ILE A 160 1.34 -7.27 -1.67
C ILE A 160 0.28 -7.05 -0.59
N ASP A 161 -0.95 -6.82 -1.04
CA ASP A 161 -2.01 -6.35 -0.16
C ASP A 161 -3.19 -7.29 -0.20
N GLY A 162 -3.99 -7.28 0.87
CA GLY A 162 -5.26 -8.00 0.91
C GLY A 162 -5.17 -9.41 0.38
N SER A 163 -6.07 -9.74 -0.55
CA SER A 163 -6.21 -11.11 -1.08
C SER A 163 -4.96 -11.65 -1.79
N ALA A 164 -4.08 -10.75 -2.20
CA ALA A 164 -2.82 -11.16 -2.82
C ALA A 164 -1.88 -11.83 -1.81
N ILE A 165 -2.12 -11.60 -0.52
CA ILE A 165 -1.39 -12.29 0.54
C ILE A 165 -1.76 -13.76 0.55
N ASN A 166 -3.05 -14.06 0.43
CA ASN A 166 -3.55 -15.43 0.25
C ASN A 166 -2.97 -16.09 -1.01
N LEU A 167 -2.86 -15.31 -2.07
CA LEU A 167 -2.34 -15.80 -3.35
C LEU A 167 -0.85 -16.10 -3.26
N LEU A 168 -0.13 -15.26 -2.51
CA LEU A 168 1.28 -15.50 -2.24
C LEU A 168 1.45 -16.76 -1.38
N ALA A 169 0.48 -16.99 -0.49
CA ALA A 169 0.52 -18.13 0.45
C ALA A 169 0.35 -19.50 -0.22
N LYS A 170 -0.51 -19.58 -1.23
CA LYS A 170 -0.78 -20.84 -1.94
C LYS A 170 0.48 -21.41 -2.63
N ARG A 171 1.28 -20.53 -3.22
CA ARG A 171 2.52 -20.92 -3.89
C ARG A 171 3.75 -20.56 -3.03
N LYS A 172 4.95 -20.62 -3.62
CA LYS A 172 6.17 -20.24 -2.90
C LYS A 172 6.92 -19.10 -3.60
N ALA A 174 10.03 -20.03 -4.84
CA ALA A 174 11.15 -20.12 -3.89
C ALA A 174 12.05 -18.89 -3.99
N ILE A 175 12.13 -18.31 -5.19
CA ILE A 175 12.90 -17.09 -5.42
C ILE A 175 11.96 -15.89 -5.54
N TRP A 176 12.28 -14.86 -4.76
CA TRP A 176 11.55 -13.60 -4.79
C TRP A 176 12.10 -12.71 -5.90
N PRO A 177 11.21 -12.12 -6.72
CA PRO A 177 11.63 -11.33 -7.88
C PRO A 177 12.22 -9.97 -7.48
N THR A 178 12.00 -9.57 -6.23
CA THR A 178 12.62 -8.38 -5.66
C THR A 178 12.83 -8.57 -4.16
N LYS A 179 13.78 -7.83 -3.60
CA LYS A 179 14.04 -7.85 -2.16
C LYS A 179 13.27 -6.74 -1.46
N GLN A 180 12.80 -5.77 -2.25
CA GLN A 180 12.08 -4.61 -1.74
C GLN A 180 10.58 -4.93 -1.68
N ILE A 181 10.23 -5.83 -0.77
CA ILE A 181 8.87 -6.34 -0.59
C ILE A 181 8.22 -5.69 0.61
N ILE A 182 6.99 -5.21 0.43
CA ILE A 182 6.16 -4.74 1.55
C ILE A 182 4.88 -5.57 1.61
N LEU A 183 4.60 -6.13 2.78
CA LEU A 183 3.38 -6.90 2.99
C LEU A 183 2.42 -6.11 3.87
N THR A 184 1.17 -5.99 3.42
CA THR A 184 0.14 -5.28 4.17
C THR A 184 -1.10 -6.15 4.39
N PRO A 185 -0.97 -7.23 5.20
CA PRO A 185 -2.09 -8.14 5.40
C PRO A 185 -2.94 -7.81 6.61
N HIS A 186 -4.21 -8.22 6.57
CA HIS A 186 -5.09 -8.18 7.74
C HIS A 186 -4.69 -9.27 8.75
N GLN A 187 -5.23 -9.17 9.97
CA GLN A 187 -4.97 -10.17 11.02
C GLN A 187 -5.06 -11.60 10.48
N LYS A 188 -6.12 -11.86 9.71
CA LYS A 188 -6.42 -13.20 9.18
C LYS A 188 -5.57 -13.61 7.98
N GLU A 189 -5.22 -12.65 7.12
CA GLU A 189 -4.40 -12.91 5.93
C GLU A 189 -2.96 -13.26 6.29
N TRP A 190 -2.45 -12.64 7.34
CA TRP A 190 -1.11 -12.90 7.84
C TRP A 190 -1.04 -14.28 8.49
N GLU A 191 -2.15 -14.68 9.11
CA GLU A 191 -2.28 -16.05 9.62
C GLU A 191 -2.03 -17.05 8.49
N ARG A 192 -2.73 -16.86 7.36
CA ARG A 192 -2.60 -17.72 6.19
C ARG A 192 -1.16 -17.87 5.69
N LEU A 193 -0.42 -16.76 5.72
CA LEU A 193 0.97 -16.72 5.22
C LEU A 193 1.96 -17.32 6.23
N SER A 194 1.76 -17.06 7.51
CA SER A 194 2.72 -17.42 8.55
C SER A 194 2.34 -18.64 9.41
N GLY A 195 1.05 -18.97 9.42
CA GLY A 195 0.56 -20.10 10.21
C GLY A 195 0.27 -19.76 11.66
N LEU A 196 0.13 -18.46 11.96
CA LEU A 196 -0.16 -18.00 13.31
C LEU A 196 -1.61 -17.55 13.44
N THR A 197 -2.32 -18.10 14.42
CA THR A 197 -3.68 -17.68 14.75
C THR A 197 -3.63 -16.28 15.38
N ILE A 198 -4.78 -15.57 15.36
CA ILE A 198 -4.88 -14.21 15.90
C ILE A 198 -4.48 -14.06 17.39
N PRO A 199 -4.78 -15.07 18.24
CA PRO A 199 -4.23 -15.06 19.61
C PRO A 199 -2.72 -15.24 19.66
N GLU A 200 -2.18 -16.07 18.77
CA GLU A 200 -0.74 -16.35 18.77
C GLU A 200 0.05 -15.54 17.74
N GLN A 201 -0.53 -14.40 17.32
CA GLN A 201 0.18 -13.42 16.51
C GLN A 201 0.83 -12.37 17.43
N ILE A 202 1.48 -12.85 18.49
CA ILE A 202 2.19 -12.00 19.43
C ILE A 202 3.46 -11.47 18.77
N GLU A 203 3.93 -10.30 19.21
CA GLU A 203 5.10 -9.62 18.62
C GLU A 203 6.25 -10.59 18.29
N ALA A 204 6.62 -11.40 19.28
CA ALA A 204 7.70 -12.37 19.15
C ALA A 204 7.44 -13.41 18.07
N ALA A 205 6.18 -13.84 17.93
CA ALA A 205 5.80 -14.85 16.95
C ALA A 205 5.77 -14.31 15.52
N THR A 206 5.23 -13.10 15.36
CA THR A 206 5.20 -12.39 14.08
C THR A 206 6.62 -12.08 13.60
N GLN A 207 7.45 -11.62 14.53
CA GLN A 207 8.85 -11.28 14.29
C GLN A 207 9.66 -12.48 13.78
N THR A 208 9.37 -13.65 14.34
CA THR A 208 10.10 -14.87 13.99
C THR A 208 9.59 -15.44 12.67
N ALA A 209 8.29 -15.28 12.41
CA ALA A 209 7.70 -15.73 11.14
C ALA A 209 8.16 -14.87 9.95
N LEU A 210 8.67 -13.67 10.25
CA LEU A 210 9.20 -12.77 9.22
C LEU A 210 10.57 -13.25 8.75
N ALA A 211 11.39 -13.73 9.68
CA ALA A 211 12.67 -14.35 9.34
C ALA A 211 12.43 -15.67 8.59
N HIS A 212 12.06 -15.53 7.32
CA HIS A 212 11.57 -16.61 6.49
C HIS A 212 11.33 -15.97 5.14
N PHE A 213 11.14 -14.65 5.18
CA PHE A 213 11.10 -13.79 4.01
C PHE A 213 12.43 -13.07 3.93
N PRO A 214 12.82 -12.57 2.74
CA PRO A 214 14.04 -11.77 2.60
C PRO A 214 14.24 -10.72 3.69
N LYS A 215 15.50 -10.43 4.01
CA LYS A 215 15.87 -9.58 5.15
C LYS A 215 15.25 -8.18 5.15
N GLU A 216 15.05 -7.60 3.96
CA GLU A 216 14.57 -6.23 3.83
C GLU A 216 13.04 -6.10 3.87
N THR A 217 12.36 -7.24 3.85
CA THR A 217 10.89 -7.28 3.82
C THR A 217 10.30 -6.47 4.96
N ILE A 218 9.36 -5.59 4.60
CA ILE A 218 8.62 -4.82 5.58
C ILE A 218 7.23 -5.41 5.70
N LEU A 219 6.77 -5.61 6.93
CA LEU A 219 5.42 -6.06 7.18
C LEU A 219 4.66 -4.96 7.91
N VAL A 220 3.50 -4.61 7.36
CA VAL A 220 2.62 -3.65 7.99
C VAL A 220 1.45 -4.47 8.53
N ALA A 221 1.45 -4.71 9.84
CA ALA A 221 0.44 -5.55 10.46
C ALA A 221 -0.82 -4.74 10.78
N LYS A 222 -1.63 -4.51 9.75
CA LYS A 222 -2.90 -3.80 9.93
C LYS A 222 -3.80 -4.49 10.96
N SER A 223 -4.18 -3.72 11.97
CA SER A 223 -4.78 -4.22 13.18
C SER A 223 -5.57 -3.11 13.85
N HIS A 224 -5.92 -3.31 15.13
CA HIS A 224 -6.43 -2.26 15.99
C HIS A 224 -5.34 -1.20 16.07
N GLN A 225 -4.20 -1.57 16.66
CA GLN A 225 -2.98 -0.78 16.56
C GLN A 225 -2.01 -1.42 15.57
N THR A 226 -1.95 -0.82 14.38
CA THR A 226 -1.04 -1.25 13.31
C THR A 226 0.41 -1.12 13.76
N LYS A 227 1.22 -2.14 13.46
CA LYS A 227 2.64 -2.13 13.75
C LYS A 227 3.41 -2.40 12.48
N ILE A 228 4.61 -1.83 12.38
CA ILE A 228 5.46 -1.99 11.21
C ILE A 228 6.70 -2.82 11.58
N TYR A 229 6.89 -3.93 10.87
CA TYR A 229 7.98 -4.85 11.13
C TYR A 229 8.98 -4.87 9.98
N GLN A 230 10.27 -4.81 10.30
CA GLN A 230 11.36 -5.15 9.37
C GLN A 230 12.58 -5.60 10.16
N GLY A 231 13.04 -6.81 9.89
CA GLY A 231 14.16 -7.42 10.61
C GLY A 231 13.85 -7.48 12.10
N GLN A 232 14.63 -6.73 12.88
CA GLN A 232 14.48 -6.68 14.33
C GLN A 232 13.84 -5.37 14.80
N LYS A 233 13.22 -4.65 13.86
CA LYS A 233 12.58 -3.37 14.16
C LYS A 233 11.07 -3.52 14.25
N ILE A 234 10.48 -2.92 15.29
CA ILE A 234 9.04 -2.84 15.41
C ILE A 234 8.63 -1.40 15.71
N GLY A 235 7.78 -0.84 14.84
CA GLY A 235 7.28 0.51 15.02
C GLY A 235 5.84 0.51 15.49
N HIS A 236 5.53 1.32 16.50
CA HIS A 236 4.17 1.43 17.02
C HIS A 236 3.63 2.83 16.74
N ILE A 237 2.38 2.91 16.29
CA ILE A 237 1.70 4.20 16.20
C ILE A 237 0.75 4.39 17.38
N GLN A 238 0.78 5.56 18.00
CA GLN A 238 -0.14 5.85 19.11
C GLN A 238 -1.44 6.50 18.60
N VAL A 239 -1.34 7.25 17.50
CA VAL A 239 -2.49 7.84 16.81
C VAL A 239 -3.44 6.77 16.25
N GLY A 240 -4.68 7.16 16.00
CA GLY A 240 -5.68 6.22 15.50
C GLY A 240 -6.84 6.05 16.46
N GLY A 241 -8.00 5.69 15.94
CA GLY A 241 -9.17 5.46 16.76
C GLY A 241 -10.26 4.64 16.10
N PRO A 242 -11.38 4.43 16.82
CA PRO A 242 -12.49 3.58 16.39
C PRO A 242 -13.27 4.14 15.20
N TYR A 243 -13.14 5.43 14.95
CA TYR A 243 -13.73 6.11 13.79
C TYR A 243 -13.11 5.63 12.47
N GLN A 244 -12.04 4.84 12.58
CA GLN A 244 -11.37 4.27 11.42
C GLN A 244 -11.90 2.89 11.05
N ALA A 245 -12.74 2.32 11.90
CA ALA A 245 -13.24 0.97 11.71
C ALA A 245 -14.36 0.91 10.67
N THR A 246 -14.02 1.32 9.45
CA THR A 246 -14.99 1.42 8.36
C THR A 246 -14.40 0.88 7.07
N GLY A 247 -15.27 0.34 6.21
CA GLY A 247 -14.84 -0.33 4.98
C GLY A 247 -14.01 0.56 4.08
N GLY A 248 -12.89 0.03 3.60
CA GLY A 248 -11.99 0.76 2.71
C GLY A 248 -10.80 1.43 3.36
N MSE A 249 -10.72 1.35 4.68
CA MSE A 249 -9.64 1.98 5.45
C MSE A 249 -8.26 1.42 5.09
O MSE A 249 -7.30 2.16 4.97
CB MSE A 249 -9.90 1.84 6.96
CG MSE A 249 -8.96 2.65 7.86
SE MSE A 249 -8.95 4.59 7.54
CE MSE A 249 -10.87 4.93 7.68
N GLY A 250 -8.20 0.10 4.88
CA GLY A 250 -6.95 -0.56 4.51
C GLY A 250 -6.48 -0.25 3.11
N ASP A 251 -7.43 -0.14 2.18
CA ASP A 251 -7.14 0.20 0.79
C ASP A 251 -6.47 1.57 0.71
N THR A 252 -7.03 2.54 1.43
CA THR A 252 -6.47 3.88 1.56
C THR A 252 -5.04 3.83 2.12
N LEU A 253 -4.81 2.99 3.13
CA LEU A 253 -3.47 2.82 3.69
C LEU A 253 -2.48 2.27 2.65
N ALA A 254 -2.91 1.24 1.92
CA ALA A 254 -2.12 0.64 0.86
C ALA A 254 -1.72 1.67 -0.21
N GLY A 255 -2.67 2.52 -0.59
CA GLY A 255 -2.43 3.58 -1.55
C GLY A 255 -1.43 4.60 -1.05
N MSE A 256 -1.56 5.00 0.22
CA MSE A 256 -0.62 5.95 0.81
C MSE A 256 0.80 5.42 0.90
O MSE A 256 1.73 6.12 0.48
CB MSE A 256 -1.11 6.40 2.19
CG MSE A 256 -2.30 7.33 2.10
SE MSE A 256 -2.83 7.96 3.85
CE MSE A 256 -1.24 9.00 4.28
N ILE A 257 0.97 4.21 1.41
CA ILE A 257 2.29 3.55 1.44
C ILE A 257 2.94 3.52 0.04
N ALA A 258 2.14 3.20 -0.97
CA ALA A 258 2.61 3.17 -2.35
C ALA A 258 3.10 4.54 -2.82
N GLY A 259 2.38 5.59 -2.44
CA GLY A 259 2.72 6.95 -2.86
C GLY A 259 3.98 7.45 -2.16
N PHE A 260 4.12 7.07 -0.89
CA PHE A 260 5.31 7.45 -0.13
C PHE A 260 6.58 6.81 -0.71
N VAL A 261 6.55 5.49 -0.90
CA VAL A 261 7.73 4.75 -1.37
C VAL A 261 8.14 5.15 -2.78
N ALA A 262 7.17 5.64 -3.56
CA ALA A 262 7.40 6.13 -4.91
C ALA A 262 8.30 7.37 -4.97
N GLN A 263 8.19 8.24 -3.96
CA GLN A 263 8.85 9.54 -3.98
C GLN A 263 9.97 9.72 -2.94
N PHE A 264 9.90 8.99 -1.83
CA PHE A 264 10.93 9.10 -0.77
C PHE A 264 11.82 7.86 -0.76
N HIS A 265 13.08 8.03 -1.19
CA HIS A 265 13.98 6.90 -1.47
C HIS A 265 14.98 6.62 -0.36
N THR A 266 14.83 7.30 0.78
CA THR A 266 15.64 7.00 1.95
C THR A 266 15.18 5.69 2.60
N ASP A 267 15.56 5.43 3.85
CA ASP A 267 15.23 4.16 4.52
C ASP A 267 13.77 3.74 4.29
N ARG A 268 13.59 2.58 3.66
CA ARG A 268 12.26 2.13 3.25
C ARG A 268 11.33 1.78 4.43
N PHE A 269 11.89 1.30 5.52
CA PHE A 269 11.11 1.06 6.74
C PHE A 269 10.51 2.35 7.29
N GLU A 270 11.30 3.41 7.35
CA GLU A 270 10.82 4.67 7.91
C GLU A 270 9.83 5.36 6.99
N VAL A 271 10.04 5.19 5.68
CA VAL A 271 9.16 5.74 4.65
C VAL A 271 7.76 5.12 4.74
N ALA A 272 7.71 3.80 4.83
CA ALA A 272 6.45 3.09 5.01
C ALA A 272 5.83 3.41 6.38
N ALA A 273 6.68 3.52 7.40
CA ALA A 273 6.22 3.87 8.74
C ALA A 273 5.55 5.24 8.75
N ALA A 274 6.19 6.23 8.13
CA ALA A 274 5.61 7.57 7.99
C ALA A 274 4.23 7.54 7.31
N ALA A 275 4.14 6.82 6.18
CA ALA A 275 2.86 6.64 5.49
C ALA A 275 1.80 6.12 6.45
N VAL A 276 2.15 5.09 7.22
CA VAL A 276 1.25 4.49 8.21
C VAL A 276 0.86 5.49 9.29
N PHE A 277 1.82 6.29 9.76
CA PHE A 277 1.52 7.30 10.78
C PHE A 277 0.53 8.34 10.27
N LEU A 278 0.81 8.88 9.08
CA LEU A 278 0.02 9.98 8.55
C LEU A 278 -1.43 9.61 8.28
N HIS A 279 -1.63 8.41 7.75
CA HIS A 279 -2.94 7.82 7.56
C HIS A 279 -3.81 7.98 8.82
N SER A 280 -3.32 7.46 9.96
CA SER A 280 -4.04 7.55 11.24
C SER A 280 -4.06 8.96 11.83
N TYR A 281 -2.97 9.69 11.64
CA TYR A 281 -2.88 11.08 12.11
C TYR A 281 -3.95 11.95 11.48
N ILE A 282 -4.18 11.78 10.19
CA ILE A 282 -5.23 12.52 9.47
C ILE A 282 -6.61 12.11 10.01
N ALA A 283 -6.81 10.80 10.18
CA ALA A 283 -8.05 10.26 10.73
C ALA A 283 -8.34 10.85 12.11
N ASP A 284 -7.29 10.99 12.93
CA ASP A 284 -7.38 11.65 14.24
C ASP A 284 -7.85 13.10 14.13
N GLN A 285 -7.31 13.84 13.17
CA GLN A 285 -7.74 15.23 12.94
C GLN A 285 -9.19 15.33 12.50
N LEU A 286 -9.58 14.46 11.56
CA LEU A 286 -10.95 14.44 11.04
C LEU A 286 -11.98 13.94 12.05
N SER A 287 -11.52 13.22 13.07
CA SER A 287 -12.39 12.63 14.10
C SER A 287 -13.04 13.66 15.02
N LYS A 288 -12.39 14.79 15.21
CA LYS A 288 -12.93 15.85 16.08
C LYS A 288 -14.29 16.32 15.59
N GLU A 289 -14.56 16.12 14.31
CA GLU A 289 -15.82 16.55 13.73
C GLU A 289 -16.50 15.46 12.91
N ALA A 290 -16.15 14.21 13.20
CA ALA A 290 -16.72 13.07 12.48
C ALA A 290 -16.77 11.83 13.36
N TYR A 291 -17.96 11.25 13.45
CA TYR A 291 -18.20 10.04 14.23
C TYR A 291 -17.47 8.85 13.61
N VAL A 292 -17.60 8.72 12.29
CA VAL A 292 -16.76 7.83 11.49
C VAL A 292 -15.92 8.69 10.55
N VAL A 293 -14.68 8.28 10.29
CA VAL A 293 -13.85 8.96 9.31
C VAL A 293 -13.75 8.07 8.07
N LEU A 294 -14.31 8.55 6.96
CA LEU A 294 -14.37 7.75 5.74
C LEU A 294 -13.05 7.78 4.97
N PRO A 295 -12.66 6.64 4.38
CA PRO A 295 -11.41 6.50 3.64
C PRO A 295 -11.19 7.60 2.59
N THR A 296 -12.22 7.95 1.81
CA THR A 296 -12.09 9.00 0.80
C THR A 296 -11.98 10.41 1.40
N ARG A 297 -12.46 10.59 2.63
CA ARG A 297 -12.34 11.88 3.31
C ARG A 297 -10.90 12.11 3.76
N ILE A 298 -10.21 11.02 4.12
CA ILE A 298 -8.79 11.06 4.50
C ILE A 298 -7.90 11.41 3.30
N SER A 299 -8.20 10.79 2.16
CA SER A 299 -7.47 11.03 0.91
C SER A 299 -7.51 12.48 0.46
N ALA A 300 -8.67 13.10 0.62
CA ALA A 300 -8.88 14.50 0.25
C ALA A 300 -7.98 15.46 1.04
N GLU A 301 -7.61 15.05 2.25
CA GLU A 301 -6.83 15.88 3.18
C GLU A 301 -5.31 15.71 3.07
N ILE A 302 -4.89 14.63 2.40
CA ILE A 302 -3.48 14.22 2.36
C ILE A 302 -2.46 15.33 2.03
N THR A 303 -2.57 15.98 0.86
CA THR A 303 -1.56 16.99 0.51
C THR A 303 -1.50 18.21 1.41
N ARG A 304 -2.65 18.67 1.90
CA ARG A 304 -2.66 19.79 2.83
C ARG A 304 -1.83 19.46 4.06
N VAL A 305 -1.93 18.22 4.53
CA VAL A 305 -1.23 17.78 5.74
C VAL A 305 0.23 17.45 5.45
N MSE A 306 0.50 16.81 4.31
CA MSE A 306 1.88 16.58 3.89
C MSE A 306 2.61 17.91 3.73
O MSE A 306 3.77 18.02 4.14
CB MSE A 306 1.94 15.78 2.58
CG MSE A 306 1.56 14.33 2.73
SE MSE A 306 1.81 13.26 1.12
CE MSE A 306 3.77 13.18 1.12
N LYS A 307 1.93 18.90 3.17
CA LYS A 307 2.45 20.27 3.06
C LYS A 307 2.84 20.83 4.43
N GLU A 308 1.97 20.67 5.42
CA GLU A 308 2.25 21.03 6.82
C GLU A 308 3.44 20.23 7.39
N MSE A 309 3.51 18.95 7.03
CA MSE A 309 4.58 18.08 7.52
C MSE A 309 5.93 18.48 6.94
O MSE A 309 6.96 18.32 7.59
CB MSE A 309 4.28 16.61 7.21
CG MSE A 309 3.14 16.01 8.02
SE MSE A 309 3.60 15.68 9.89
CE MSE A 309 1.94 16.23 10.73
N SER A 310 5.91 19.00 5.71
CA SER A 310 7.12 19.44 5.05
C SER A 310 7.58 20.80 5.59
N GLU A 311 6.68 21.45 6.33
CA GLU A 311 6.89 22.78 6.95
C GLU A 311 6.73 23.91 5.94
P PO4 B . -10.58 -2.51 4.47
O1 PO4 B . -12.08 -2.35 4.54
O2 PO4 B . -10.28 -3.99 4.44
O3 PO4 B . -10.03 -1.87 3.22
O4 PO4 B . -9.93 -1.87 5.68
K K C . 10.38 18.24 6.76
#